data_3OOP
#
_entry.id   3OOP
#
_cell.length_a   64.687
_cell.length_b   77.834
_cell.length_c   33.065
_cell.angle_alpha   90.00
_cell.angle_beta   113.36
_cell.angle_gamma   90.00
#
_symmetry.space_group_name_H-M   'C 1 2 1'
#
loop_
_entity.id
_entity.type
_entity.pdbx_description
1 polymer 'Lin2960 protein'
2 water water
#
_entity_poly.entity_id   1
_entity_poly.type   'polypeptide(L)'
_entity_poly.pdbx_seq_one_letter_code
;SNA(MSE)RGYYDEISFDVNTTAKK(MSE)HLFL(MSE)RSIASYDVTPEQWSVLEGIEANEPISQKEIALWTKKDTPTV
NRIVDVLLRKELIVREISTEDRRISLLSLTDKGRKETTELRDIVEASCEK(MSE)FAGVTRTDLEQFTAILKNISTNIE
;
_entity_poly.pdbx_strand_id   A
#
# COMPACT_ATOMS: atom_id res chain seq x y z
N SER A 1 29.38 20.15 -10.85
CA SER A 1 29.41 18.89 -10.06
C SER A 1 28.93 17.70 -10.89
N ASN A 2 29.67 17.40 -11.96
CA ASN A 2 29.48 16.17 -12.73
C ASN A 2 29.52 14.97 -11.79
N ALA A 3 30.46 14.99 -10.84
CA ALA A 3 30.59 13.96 -9.82
C ALA A 3 29.33 13.84 -8.97
N ARG A 5 26.35 14.94 -9.53
CA ARG A 5 25.22 14.53 -10.36
C ARG A 5 25.23 13.01 -10.53
N GLY A 6 26.42 12.44 -10.74
CA GLY A 6 26.61 11.00 -10.74
C GLY A 6 26.14 10.29 -9.47
N TYR A 7 26.52 10.81 -8.30
CA TYR A 7 26.10 10.21 -7.02
C TYR A 7 24.59 10.31 -6.82
N TYR A 8 24.02 11.46 -7.16
CA TYR A 8 22.58 11.64 -7.05
C TYR A 8 21.87 10.63 -7.95
N ASP A 9 22.34 10.47 -9.18
CA ASP A 9 21.73 9.56 -10.15
C ASP A 9 21.72 8.11 -9.67
N GLU A 10 22.81 7.70 -9.02
CA GLU A 10 22.88 6.37 -8.42
CA GLU A 10 22.88 6.37 -8.40
C GLU A 10 21.81 6.24 -7.33
N ILE A 11 21.62 7.29 -6.53
CA ILE A 11 20.60 7.29 -5.49
C ILE A 11 19.18 7.20 -6.08
N SER A 12 18.88 8.00 -7.10
CA SER A 12 17.55 7.90 -7.71
CA SER A 12 17.58 7.91 -7.79
C SER A 12 17.28 6.48 -8.24
N PHE A 13 18.28 5.86 -8.87
CA PHE A 13 18.09 4.48 -9.33
C PHE A 13 17.84 3.54 -8.15
N ASP A 14 18.65 3.66 -7.10
CA ASP A 14 18.57 2.78 -5.95
C ASP A 14 17.28 2.95 -5.13
N VAL A 15 16.79 4.19 -5.00
CA VAL A 15 15.55 4.42 -4.26
CA VAL A 15 15.55 4.40 -4.25
C VAL A 15 14.38 3.70 -4.94
N ASN A 16 14.37 3.74 -6.27
CA ASN A 16 13.29 3.15 -7.04
CA ASN A 16 13.28 3.16 -7.03
C ASN A 16 13.36 1.63 -7.07
N THR A 17 14.56 1.08 -7.28
CA THR A 17 14.73 -0.38 -7.26
C THR A 17 14.45 -0.95 -5.87
N THR A 18 14.87 -0.24 -4.82
CA THR A 18 14.64 -0.69 -3.45
C THR A 18 13.15 -0.63 -3.11
N ALA A 19 12.45 0.40 -3.58
CA ALA A 19 11.01 0.52 -3.36
C ALA A 19 10.28 -0.71 -3.94
N LYS A 20 10.68 -1.10 -5.15
CA LYS A 20 10.07 -2.24 -5.82
C LYS A 20 10.32 -3.53 -5.04
N LYS A 21 11.54 -3.70 -4.56
CA LYS A 21 11.91 -4.89 -3.79
CA LYS A 21 11.92 -4.88 -3.78
C LYS A 21 11.21 -4.93 -2.43
N HIS A 23 8.20 -3.70 -1.81
CA HIS A 23 6.84 -4.15 -2.10
C HIS A 23 6.75 -5.68 -2.32
N LEU A 24 7.68 -6.23 -3.10
CA LEU A 24 7.75 -7.67 -3.30
C LEU A 24 7.93 -8.43 -1.98
N PHE A 25 8.78 -7.90 -1.10
CA PHE A 25 9.06 -8.51 0.20
C PHE A 25 7.81 -8.60 1.07
N LEU A 26 7.09 -7.49 1.15
CA LEU A 26 5.84 -7.47 1.91
C LEU A 26 4.79 -8.39 1.32
N ARG A 28 5.47 -11.16 -0.38
CA ARG A 28 5.94 -12.52 -0.06
C ARG A 28 5.54 -12.98 1.33
N SER A 29 5.43 -12.02 2.26
CA SER A 29 5.12 -12.35 3.65
C SER A 29 3.74 -12.96 3.80
N ILE A 30 2.83 -12.64 2.87
CA ILE A 30 1.47 -13.18 2.94
C ILE A 30 1.15 -14.15 1.78
N ALA A 31 2.20 -14.59 1.10
CA ALA A 31 2.07 -15.49 -0.07
C ALA A 31 1.30 -16.78 0.23
N SER A 32 1.41 -17.29 1.45
CA SER A 32 0.81 -18.58 1.77
C SER A 32 -0.66 -18.48 2.18
N TYR A 33 -1.17 -17.25 2.30
CA TYR A 33 -2.55 -17.04 2.76
C TYR A 33 -3.56 -17.12 1.62
N ASP A 34 -4.81 -17.38 1.96
CA ASP A 34 -5.86 -17.60 0.95
C ASP A 34 -6.14 -16.33 0.14
N VAL A 35 -6.06 -15.18 0.80
CA VAL A 35 -6.21 -13.88 0.14
C VAL A 35 -4.99 -13.54 -0.72
N THR A 36 -5.21 -13.27 -2.03
CA THR A 36 -4.15 -12.87 -2.98
C THR A 36 -3.74 -11.38 -2.86
N PRO A 37 -2.57 -10.99 -3.41
CA PRO A 37 -2.11 -9.58 -3.34
C PRO A 37 -3.13 -8.53 -3.80
N GLU A 38 -3.78 -8.75 -4.94
CA GLU A 38 -4.77 -7.80 -5.45
C GLU A 38 -6.03 -7.76 -4.59
N GLN A 39 -6.40 -8.92 -4.04
CA GLN A 39 -7.52 -9.02 -3.11
C GLN A 39 -7.17 -8.29 -1.82
N TRP A 40 -5.91 -8.38 -1.42
CA TRP A 40 -5.45 -7.71 -0.21
C TRP A 40 -5.52 -6.19 -0.39
N SER A 41 -5.10 -5.70 -1.54
CA SER A 41 -5.16 -4.26 -1.81
C SER A 41 -6.57 -3.73 -1.58
N VAL A 42 -7.55 -4.43 -2.11
CA VAL A 42 -8.94 -4.01 -2.00
C VAL A 42 -9.43 -4.17 -0.55
N LEU A 43 -9.17 -5.32 0.06
CA LEU A 43 -9.55 -5.57 1.46
C LEU A 43 -9.00 -4.53 2.42
N GLU A 44 -7.70 -4.25 2.31
CA GLU A 44 -7.01 -3.24 3.11
CA GLU A 44 -7.03 -3.24 3.14
C GLU A 44 -7.67 -1.87 2.96
N GLY A 45 -8.00 -1.52 1.71
CA GLY A 45 -8.67 -0.25 1.42
C GLY A 45 -10.04 -0.19 2.05
N ILE A 46 -10.78 -1.28 1.96
CA ILE A 46 -12.08 -1.36 2.62
C ILE A 46 -11.95 -1.21 4.14
N GLU A 47 -11.04 -1.98 4.75
CA GLU A 47 -10.81 -1.87 6.20
C GLU A 47 -10.50 -0.43 6.59
N ALA A 48 -9.66 0.25 5.80
CA ALA A 48 -9.20 1.59 6.17
C ALA A 48 -10.29 2.66 6.03
N ASN A 49 -11.33 2.35 5.26
CA ASN A 49 -12.35 3.34 4.88
C ASN A 49 -13.83 2.97 5.10
N GLU A 50 -14.11 1.77 5.61
CA GLU A 50 -15.47 1.25 5.65
C GLU A 50 -16.46 2.09 6.47
N PRO A 51 -17.72 2.21 6.01
CA PRO A 51 -18.22 1.75 4.71
C PRO A 51 -17.73 2.65 3.59
N ILE A 52 -17.37 2.07 2.45
CA ILE A 52 -16.78 2.83 1.36
C ILE A 52 -17.40 2.42 0.02
N SER A 53 -17.58 3.38 -0.88
CA SER A 53 -18.16 3.07 -2.18
C SER A 53 -17.16 2.36 -3.10
N GLN A 54 -17.69 1.57 -4.05
CA GLN A 54 -16.86 0.88 -5.02
C GLN A 54 -16.09 1.87 -5.90
N LYS A 55 -16.72 3.02 -6.19
CA LYS A 55 -16.03 4.11 -6.85
C LYS A 55 -14.79 4.58 -6.07
N GLU A 56 -14.94 4.82 -4.77
CA GLU A 56 -13.82 5.30 -3.96
C GLU A 56 -12.71 4.27 -3.73
N ILE A 57 -13.05 2.98 -3.75
CA ILE A 57 -12.01 1.94 -3.65
C ILE A 57 -11.09 1.93 -4.87
N ALA A 58 -11.68 2.12 -6.04
CA ALA A 58 -10.92 2.26 -7.28
C ALA A 58 -9.87 3.36 -7.16
N LEU A 59 -10.30 4.54 -6.69
CA LEU A 59 -9.40 5.67 -6.48
C LEU A 59 -8.31 5.36 -5.44
N TRP A 60 -8.73 4.75 -4.32
CA TRP A 60 -7.82 4.38 -3.25
C TRP A 60 -6.74 3.40 -3.73
N THR A 61 -7.14 2.39 -4.49
CA THR A 61 -6.20 1.34 -4.89
C THR A 61 -5.56 1.65 -6.24
N LYS A 62 -6.13 2.63 -6.95
CA LYS A 62 -5.70 2.96 -8.32
C LYS A 62 -5.89 1.78 -9.28
N LYS A 63 -7.05 1.15 -9.19
CA LYS A 63 -7.46 0.10 -10.12
C LYS A 63 -8.69 0.61 -10.86
N ASP A 64 -8.95 0.07 -12.05
CA ASP A 64 -10.12 0.53 -12.81
C ASP A 64 -11.43 -0.11 -12.33
N THR A 65 -12.55 0.49 -12.74
CA THR A 65 -13.88 0.01 -12.40
C THR A 65 -14.07 -1.50 -12.60
N PRO A 66 -13.77 -2.02 -13.82
CA PRO A 66 -13.91 -3.47 -14.07
C PRO A 66 -13.08 -4.36 -13.13
N THR A 67 -11.84 -3.94 -12.85
CA THR A 67 -10.94 -4.69 -11.97
C THR A 67 -11.47 -4.73 -10.54
N VAL A 68 -11.90 -3.57 -10.03
CA VAL A 68 -12.45 -3.48 -8.69
C VAL A 68 -13.74 -4.30 -8.60
N ASN A 69 -14.61 -4.17 -9.61
CA ASN A 69 -15.84 -4.95 -9.65
CA ASN A 69 -15.84 -4.96 -9.64
C ASN A 69 -15.56 -6.45 -9.56
N ARG A 70 -14.56 -6.91 -10.29
CA ARG A 70 -14.15 -8.33 -10.29
C ARG A 70 -13.67 -8.78 -8.92
N ILE A 71 -12.78 -8.00 -8.32
CA ILE A 71 -12.19 -8.35 -7.01
C ILE A 71 -13.24 -8.29 -5.90
N VAL A 72 -14.08 -7.25 -5.92
CA VAL A 72 -15.21 -7.16 -4.98
C VAL A 72 -16.10 -8.40 -5.06
N ASP A 73 -16.39 -8.85 -6.28
CA ASP A 73 -17.16 -10.09 -6.42
C ASP A 73 -16.49 -11.32 -5.76
N VAL A 74 -15.18 -11.46 -5.89
CA VAL A 74 -14.46 -12.57 -5.23
C VAL A 74 -14.55 -12.42 -3.70
N LEU A 75 -14.37 -11.20 -3.21
CA LEU A 75 -14.39 -10.96 -1.76
C LEU A 75 -15.78 -11.17 -1.13
N LEU A 76 -16.82 -10.86 -1.89
CA LEU A 76 -18.19 -11.19 -1.51
C LEU A 76 -18.40 -12.70 -1.44
N ARG A 77 -17.93 -13.42 -2.45
CA ARG A 77 -18.06 -14.87 -2.49
CA ARG A 77 -18.01 -14.88 -2.51
C ARG A 77 -17.28 -15.53 -1.35
N LYS A 78 -16.12 -14.96 -0.99
CA LYS A 78 -15.32 -15.44 0.14
C LYS A 78 -15.91 -15.03 1.48
N GLU A 79 -17.01 -14.28 1.45
N GLU A 79 -17.03 -14.31 1.44
CA GLU A 79 -17.72 -13.79 2.65
CA GLU A 79 -17.74 -13.76 2.60
C GLU A 79 -16.85 -12.93 3.55
C GLU A 79 -16.82 -12.97 3.54
N LEU A 80 -15.98 -12.14 2.93
CA LEU A 80 -15.05 -11.26 3.67
C LEU A 80 -15.60 -9.84 3.74
N ILE A 81 -16.49 -9.51 2.83
CA ILE A 81 -17.09 -8.17 2.80
C ILE A 81 -18.59 -8.29 2.57
N VAL A 82 -19.29 -7.19 2.82
CA VAL A 82 -20.72 -7.12 2.56
C VAL A 82 -20.99 -5.85 1.76
N ARG A 83 -21.94 -5.93 0.83
CA ARG A 83 -22.31 -4.79 -0.01
C ARG A 83 -23.75 -4.41 0.31
N GLU A 84 -23.94 -3.21 0.84
CA GLU A 84 -25.26 -2.75 1.31
C GLU A 84 -25.59 -1.35 0.79
N ILE A 85 -26.89 -1.02 0.76
CA ILE A 85 -27.39 0.21 0.10
C ILE A 85 -26.98 1.53 0.78
N ARG A 90 -28.40 7.88 0.35
CA ARG A 90 -28.91 7.73 -1.00
C ARG A 90 -28.91 6.26 -1.44
N ARG A 91 -29.14 6.04 -2.73
CA ARG A 91 -29.21 4.67 -3.27
C ARG A 91 -28.03 4.31 -4.20
N ILE A 92 -26.84 4.27 -3.61
CA ILE A 92 -25.61 3.66 -4.17
C ILE A 92 -25.09 2.57 -3.20
N SER A 93 -24.03 1.85 -3.59
CA SER A 93 -23.58 0.66 -2.84
C SER A 93 -22.27 0.79 -2.05
N LEU A 94 -22.35 0.55 -0.75
CA LEU A 94 -21.20 0.68 0.16
C LEU A 94 -20.68 -0.68 0.61
N LEU A 95 -19.36 -0.79 0.69
CA LEU A 95 -18.71 -2.04 1.09
C LEU A 95 -18.14 -1.89 2.49
N SER A 96 -18.29 -2.96 3.28
CA SER A 96 -17.75 -3.02 4.64
CA SER A 96 -17.71 -3.02 4.62
C SER A 96 -17.31 -4.45 4.92
N LEU A 97 -16.55 -4.66 5.99
CA LEU A 97 -16.07 -5.99 6.32
C LEU A 97 -17.12 -6.80 7.07
N THR A 98 -17.11 -8.11 6.85
CA THR A 98 -17.78 -9.06 7.73
C THR A 98 -16.88 -9.36 8.92
N ASP A 99 -17.41 -10.05 9.93
CA ASP A 99 -16.57 -10.55 11.02
C ASP A 99 -15.37 -11.36 10.52
N LYS A 100 -15.62 -12.22 9.53
CA LYS A 100 -14.54 -13.02 8.93
C LYS A 100 -13.53 -12.13 8.22
N GLY A 101 -14.02 -11.13 7.48
CA GLY A 101 -13.14 -10.15 6.86
C GLY A 101 -12.28 -9.39 7.87
N ARG A 102 -12.89 -8.98 8.98
CA ARG A 102 -12.15 -8.28 10.02
C ARG A 102 -11.06 -9.18 10.62
N LYS A 103 -11.41 -10.44 10.87
CA LYS A 103 -10.47 -11.43 11.40
C LYS A 103 -9.28 -11.62 10.44
N GLU A 104 -9.57 -11.87 9.17
CA GLU A 104 -8.53 -12.12 8.20
C GLU A 104 -7.66 -10.89 7.93
N THR A 105 -8.27 -9.71 7.85
CA THR A 105 -7.52 -8.48 7.62
CA THR A 105 -7.49 -8.51 7.60
C THR A 105 -6.58 -8.19 8.80
N THR A 106 -7.06 -8.44 10.01
CA THR A 106 -6.23 -8.24 11.21
C THR A 106 -5.00 -9.17 11.16
N GLU A 107 -5.25 -10.44 10.83
CA GLU A 107 -4.18 -11.43 10.72
C GLU A 107 -3.15 -11.02 9.66
N LEU A 108 -3.62 -10.63 8.47
CA LEU A 108 -2.75 -10.19 7.39
C LEU A 108 -1.99 -8.92 7.73
N ARG A 109 -2.70 -7.93 8.29
CA ARG A 109 -2.06 -6.67 8.67
CA ARG A 109 -2.06 -6.67 8.67
C ARG A 109 -0.91 -6.91 9.65
N ASP A 110 -1.11 -7.82 10.60
CA ASP A 110 -0.08 -8.13 11.60
C ASP A 110 1.17 -8.74 10.97
N ILE A 111 0.95 -9.63 10.00
CA ILE A 111 2.06 -10.28 9.28
C ILE A 111 2.83 -9.24 8.48
N VAL A 112 2.11 -8.40 7.74
CA VAL A 112 2.73 -7.34 6.95
C VAL A 112 3.51 -6.36 7.83
N GLU A 113 2.92 -5.97 8.95
CA GLU A 113 3.56 -5.06 9.91
CA GLU A 113 3.59 -5.04 9.87
C GLU A 113 4.86 -5.64 10.46
N ALA A 114 4.83 -6.94 10.79
CA ALA A 114 6.03 -7.60 11.30
C ALA A 114 7.15 -7.63 10.25
N SER A 115 6.79 -7.91 9.00
CA SER A 115 7.78 -7.89 7.89
C SER A 115 8.30 -6.48 7.63
N CYS A 116 7.42 -5.50 7.73
CA CYS A 116 7.79 -4.10 7.59
C CYS A 116 8.82 -3.67 8.64
N GLU A 117 8.65 -4.12 9.89
CA GLU A 117 9.63 -3.88 10.94
C GLU A 117 11.00 -4.47 10.58
N LYS A 118 10.99 -5.67 10.00
CA LYS A 118 12.23 -6.34 9.58
C LYS A 118 12.93 -5.56 8.48
N PHE A 120 12.87 -2.39 7.91
CA PHE A 120 13.45 -1.15 8.42
C PHE A 120 14.38 -1.32 9.62
N ALA A 121 14.72 -2.56 9.94
CA ALA A 121 15.66 -2.83 11.03
C ALA A 121 16.95 -1.99 10.91
N GLY A 122 17.27 -1.25 11.97
CA GLY A 122 18.48 -0.41 11.98
C GLY A 122 18.35 0.92 11.25
N VAL A 123 17.20 1.18 10.66
CA VAL A 123 16.92 2.49 10.03
C VAL A 123 16.02 3.29 10.96
N THR A 124 16.36 4.56 11.17
CA THR A 124 15.58 5.42 12.05
C THR A 124 14.87 6.52 11.27
N ARG A 125 13.80 7.07 11.86
CA ARG A 125 13.08 8.20 11.27
C ARG A 125 14.06 9.33 10.95
N THR A 126 14.95 9.60 11.91
CA THR A 126 15.99 10.62 11.75
C THR A 126 16.86 10.41 10.49
N ASP A 127 17.25 9.16 10.23
CA ASP A 127 18.02 8.82 9.03
C ASP A 127 17.32 9.27 7.76
N LEU A 128 16.00 9.12 7.74
CA LEU A 128 15.21 9.50 6.57
C LEU A 128 14.98 11.01 6.45
N GLU A 129 14.69 11.67 7.58
CA GLU A 129 14.46 13.12 7.62
CA GLU A 129 14.45 13.13 7.54
C GLU A 129 15.70 13.93 7.22
N GLN A 130 16.88 13.35 7.47
CA GLN A 130 18.12 13.99 7.07
C GLN A 130 18.27 14.06 5.54
N PHE A 131 17.83 13.02 4.85
CA PHE A 131 17.88 13.05 3.40
C PHE A 131 16.76 13.89 2.81
N THR A 132 15.59 13.86 3.43
CA THR A 132 14.53 14.78 3.00
C THR A 132 15.03 16.23 3.06
N ALA A 133 15.87 16.54 4.06
CA ALA A 133 16.46 17.88 4.20
C ALA A 133 17.38 18.23 3.02
N ILE A 134 18.18 17.26 2.57
CA ILE A 134 19.08 17.44 1.44
CA ILE A 134 19.07 17.43 1.43
C ILE A 134 18.26 17.74 0.18
N LEU A 135 17.15 17.01 0.00
CA LEU A 135 16.27 17.25 -1.16
C LEU A 135 15.66 18.65 -1.08
N LYS A 136 15.27 19.08 0.12
CA LYS A 136 14.80 20.45 0.30
C LYS A 136 15.88 21.50 -0.04
N ASN A 137 17.13 21.23 0.36
N ASN A 137 17.13 21.24 0.34
CA ASN A 137 18.27 22.08 0.05
CA ASN A 137 18.24 22.14 0.03
C ASN A 137 18.41 22.28 -1.47
C ASN A 137 18.48 22.29 -1.48
N ILE A 138 18.46 21.17 -2.19
CA ILE A 138 18.61 21.18 -3.65
C ILE A 138 17.42 21.93 -4.27
N SER A 139 16.21 21.56 -3.87
CA SER A 139 15.01 22.24 -4.35
C SER A 139 15.05 23.76 -4.15
N THR A 140 15.53 24.19 -2.98
N THR A 140 15.56 24.22 -3.01
CA THR A 140 15.71 25.61 -2.70
CA THR A 140 15.68 25.66 -2.74
C THR A 140 16.73 26.23 -3.65
C THR A 140 16.85 26.34 -3.47
N ASN A 141 17.87 25.56 -3.82
CA ASN A 141 18.99 26.06 -4.63
C ASN A 141 18.57 26.42 -6.06
N ILE A 142 17.60 25.66 -6.58
CA ILE A 142 17.14 25.76 -7.97
C ILE A 142 15.89 26.64 -8.09
N GLU A 143 15.95 27.62 -9.00
CA GLU A 143 14.76 28.36 -9.45
C GLU A 143 14.90 28.85 -10.89
#